data_5GRT
#
_entry.id   5GRT
#
_cell.length_a   120.120
_cell.length_b   84.790
_cell.length_c   63.650
_cell.angle_alpha   90.00
_cell.angle_beta   90.00
_cell.angle_gamma   58.41
#
_symmetry.space_group_name_H-M   'B 1 1 2'
#
loop_
_entity.id
_entity.type
_entity.pdbx_description
1 polymer 'GLUTATHIONE REDUCTASE'
2 non-polymer 'FLAVIN-ADENINE DINUCLEOTIDE'
3 non-polymer 'GLUTATHIONYLSPERMIDINE DISULFIDE'
#
_entity_poly.entity_id   1
_entity_poly.type   'polypeptide(L)'
_entity_poly.pdbx_seq_one_letter_code
;VASYDYLVIGGGSGGLESAWRAAELGARAAVVESHKLGGTCVNVGCVPKKVMWNTAVHSEFMHDHADYGFPSCEGKFNWR
VIKEKRDAYVSRLNAIYQNNLTKSHIEIIRGHAAFTSDPKPTIEVSGKKYTAPHILIATGGMPSTPHESQIPGASLGITS
DGFFQLEELPGRSVIVGAGYIAVEMAGILSALGSKTSLMIRHDKVLRSFDSMISTNCTEELENAGVEVLKFSQVKEVKKT
LSGLEVSMVTAVPGRLPVMTMIPDVDCLLWAIGRVPNTKDLSLNKLGIQTDDKGHIIVDEFQNTNVKGIYAVGDVCGKAL
LTPVAIAAGRKLAHRLFEYKEDSKLDYNNIPTVVFSHPPIGTVGLTEDEAIHKYGIENVKTYSTSFTPMYHAVTKRKTKC
VMKMVCANKEEKVVGIHMQGLGCDEMLQGFAVAVKMGATKADFDNTVAIHPTSSEELVTLR
;
_entity_poly.pdbx_strand_id   A
#
loop_
_chem_comp.id
_chem_comp.type
_chem_comp.name
_chem_comp.formula
FAD non-polymer 'FLAVIN-ADENINE DINUCLEOTIDE' 'C27 H33 N9 O15 P2'
TS4 non-polymer 'GLUTATHIONYLSPERMIDINE DISULFIDE' 'C34 H66 N12 O10 S2'
#
# COMPACT_ATOMS: atom_id res chain seq x y z
N VAL A 1 -32.30 -20.06 -5.41
CA VAL A 1 -30.82 -20.22 -5.47
C VAL A 1 -30.28 -20.55 -6.87
N ALA A 2 -29.57 -19.60 -7.46
CA ALA A 2 -28.96 -19.82 -8.76
C ALA A 2 -27.65 -20.48 -8.37
N SER A 3 -27.30 -21.55 -9.06
CA SER A 3 -26.06 -22.22 -8.72
C SER A 3 -24.98 -21.91 -9.78
N TYR A 4 -23.75 -21.81 -9.31
CA TYR A 4 -22.62 -21.51 -10.17
C TYR A 4 -21.52 -22.48 -9.80
N ASP A 5 -20.36 -22.27 -10.42
CA ASP A 5 -19.17 -23.07 -10.17
C ASP A 5 -18.26 -22.30 -9.25
N TYR A 6 -18.43 -20.98 -9.29
CA TYR A 6 -17.62 -20.08 -8.51
C TYR A 6 -18.44 -18.83 -8.28
N LEU A 7 -18.36 -18.32 -7.06
CA LEU A 7 -19.06 -17.13 -6.64
C LEU A 7 -18.05 -16.34 -5.80
N VAL A 8 -17.51 -15.29 -6.39
CA VAL A 8 -16.51 -14.42 -5.75
C VAL A 8 -17.20 -13.20 -5.14
N ILE A 9 -16.90 -12.86 -3.89
CA ILE A 9 -17.52 -11.68 -3.29
C ILE A 9 -16.55 -10.53 -3.23
N GLY A 10 -16.81 -9.52 -4.03
CA GLY A 10 -15.94 -8.36 -4.13
C GLY A 10 -15.20 -8.34 -5.46
N GLY A 11 -15.36 -7.25 -6.19
CA GLY A 11 -14.71 -7.11 -7.48
C GLY A 11 -13.51 -6.19 -7.41
N GLY A 12 -12.60 -6.46 -6.47
CA GLY A 12 -11.39 -5.67 -6.33
C GLY A 12 -10.25 -6.41 -6.99
N SER A 13 -9.02 -6.21 -6.53
CA SER A 13 -7.85 -6.90 -7.09
C SER A 13 -7.92 -8.44 -7.01
N GLY A 14 -8.23 -8.94 -5.82
CA GLY A 14 -8.28 -10.36 -5.57
C GLY A 14 -9.46 -11.08 -6.16
N GLY A 15 -10.65 -10.52 -5.99
CA GLY A 15 -11.83 -11.16 -6.55
C GLY A 15 -11.82 -11.24 -8.06
N LEU A 16 -11.54 -10.13 -8.72
CA LEU A 16 -11.52 -10.10 -10.17
C LEU A 16 -10.52 -11.07 -10.83
N GLU A 17 -9.27 -11.10 -10.36
CA GLU A 17 -8.24 -11.98 -10.94
C GLU A 17 -8.58 -13.45 -10.77
N SER A 18 -9.15 -13.81 -9.63
CA SER A 18 -9.52 -15.18 -9.35
C SER A 18 -10.67 -15.60 -10.26
N ALA A 19 -11.62 -14.70 -10.46
CA ALA A 19 -12.77 -14.96 -11.32
C ALA A 19 -12.28 -15.13 -12.75
N TRP A 20 -11.42 -14.23 -13.21
CA TRP A 20 -10.85 -14.30 -14.55
C TRP A 20 -10.11 -15.61 -14.79
N ARG A 21 -9.25 -16.00 -13.86
CA ARG A 21 -8.54 -17.25 -14.04
C ARG A 21 -9.45 -18.45 -13.97
N ALA A 22 -10.47 -18.39 -13.13
CA ALA A 22 -11.42 -19.49 -13.02
C ALA A 22 -12.18 -19.66 -14.35
N ALA A 23 -12.77 -18.58 -14.85
CA ALA A 23 -13.51 -18.61 -16.13
C ALA A 23 -12.67 -19.22 -17.25
N GLU A 24 -11.41 -18.79 -17.35
CA GLU A 24 -10.46 -19.30 -18.36
C GLU A 24 -10.35 -20.82 -18.31
N LEU A 25 -10.64 -21.38 -17.13
CA LEU A 25 -10.55 -22.83 -16.88
C LEU A 25 -11.87 -23.61 -17.08
N GLY A 26 -12.94 -22.92 -17.41
CA GLY A 26 -14.18 -23.62 -17.65
C GLY A 26 -15.30 -23.30 -16.71
N ALA A 27 -14.97 -22.87 -15.51
CA ALA A 27 -15.98 -22.54 -14.53
C ALA A 27 -16.96 -21.45 -14.94
N ARG A 28 -18.19 -21.60 -14.48
CA ARG A 28 -19.22 -20.59 -14.72
C ARG A 28 -19.16 -19.76 -13.42
N ALA A 29 -18.60 -18.57 -13.54
CA ALA A 29 -18.43 -17.67 -12.40
C ALA A 29 -19.31 -16.44 -12.50
N ALA A 30 -19.43 -15.76 -11.36
CA ALA A 30 -20.20 -14.54 -11.20
C ALA A 30 -19.41 -13.82 -10.12
N VAL A 31 -19.51 -12.49 -10.09
CA VAL A 31 -18.80 -11.66 -9.10
C VAL A 31 -19.84 -10.80 -8.42
N VAL A 32 -19.76 -10.64 -7.11
CA VAL A 32 -20.71 -9.78 -6.39
C VAL A 32 -20.00 -8.50 -5.99
N GLU A 33 -20.41 -7.36 -6.54
CA GLU A 33 -19.77 -6.10 -6.19
C GLU A 33 -20.81 -5.07 -5.76
N SER A 34 -20.60 -4.48 -4.59
CA SER A 34 -21.52 -3.50 -4.06
C SER A 34 -21.28 -2.08 -4.56
N HIS A 35 -20.13 -1.82 -5.18
CA HIS A 35 -19.80 -0.49 -5.65
C HIS A 35 -19.15 -0.43 -7.03
N LYS A 36 -17.96 0.17 -7.10
CA LYS A 36 -17.26 0.29 -8.35
C LYS A 36 -16.22 -0.83 -8.45
N LEU A 37 -16.15 -1.46 -9.62
CA LEU A 37 -15.20 -2.55 -9.85
C LEU A 37 -13.80 -1.98 -9.95
N GLY A 38 -12.82 -2.83 -9.70
CA GLY A 38 -11.45 -2.38 -9.69
C GLY A 38 -11.04 -2.29 -8.22
N GLY A 39 -12.03 -2.15 -7.33
CA GLY A 39 -11.80 -2.11 -5.89
C GLY A 39 -11.13 -0.89 -5.31
N THR A 40 -10.39 -1.11 -4.24
CA THR A 40 -9.68 -0.03 -3.53
C THR A 40 -8.54 0.55 -4.36
N CYS A 41 -7.75 -0.33 -4.96
CA CYS A 41 -6.62 0.07 -5.78
C CYS A 41 -6.90 1.04 -6.96
N VAL A 42 -7.91 0.75 -7.76
CA VAL A 42 -8.28 1.58 -8.90
C VAL A 42 -9.07 2.82 -8.49
N ASN A 43 -9.97 2.64 -7.54
CA ASN A 43 -10.84 3.74 -7.11
C ASN A 43 -10.32 4.71 -6.06
N VAL A 44 -9.52 4.20 -5.12
CA VAL A 44 -8.97 5.04 -4.05
C VAL A 44 -7.61 4.48 -3.60
N GLY A 45 -6.79 4.07 -4.54
CA GLY A 45 -5.52 3.53 -4.13
C GLY A 45 -4.38 3.75 -5.08
N CYS A 46 -3.84 2.65 -5.54
CA CYS A 46 -2.71 2.64 -6.43
C CYS A 46 -2.87 3.63 -7.55
N VAL A 47 -3.85 3.42 -8.42
CA VAL A 47 -4.07 4.30 -9.57
C VAL A 47 -4.10 5.80 -9.22
N PRO A 48 -5.16 6.30 -8.52
CA PRO A 48 -5.14 7.74 -8.19
C PRO A 48 -3.93 8.19 -7.33
N LYS A 49 -3.37 7.28 -6.55
CA LYS A 49 -2.22 7.62 -5.72
C LYS A 49 -1.03 7.96 -6.62
N LYS A 50 -0.72 7.04 -7.54
CA LYS A 50 0.40 7.21 -8.45
C LYS A 50 0.27 8.39 -9.42
N VAL A 51 -0.95 8.79 -9.76
CA VAL A 51 -1.12 9.94 -10.65
C VAL A 51 -0.74 11.19 -9.90
N MET A 52 -1.21 11.27 -8.66
CA MET A 52 -0.89 12.41 -7.81
C MET A 52 0.59 12.45 -7.48
N TRP A 53 1.22 11.28 -7.47
CA TRP A 53 2.66 11.21 -7.20
C TRP A 53 3.46 11.75 -8.40
N ASN A 54 3.06 11.35 -9.61
CA ASN A 54 3.73 11.79 -10.83
C ASN A 54 3.65 13.32 -10.89
N THR A 55 2.62 13.87 -10.27
CA THR A 55 2.39 15.30 -10.24
C THR A 55 3.31 15.92 -9.18
N ALA A 56 3.49 15.23 -8.07
CA ALA A 56 4.34 15.77 -7.04
C ALA A 56 5.75 15.72 -7.58
N VAL A 57 6.09 14.66 -8.31
CA VAL A 57 7.45 14.55 -8.88
C VAL A 57 7.75 15.74 -9.80
N HIS A 58 6.71 16.28 -10.41
CA HIS A 58 6.85 17.42 -11.28
C HIS A 58 7.17 18.70 -10.52
N SER A 59 6.43 18.98 -9.47
CA SER A 59 6.73 20.19 -8.71
C SER A 59 8.17 20.12 -8.25
N GLU A 60 8.59 18.95 -7.74
CA GLU A 60 9.98 18.80 -7.28
C GLU A 60 11.08 18.95 -8.34
N PHE A 61 10.72 18.92 -9.61
CA PHE A 61 11.72 19.08 -10.65
C PHE A 61 11.62 20.48 -11.28
N MET A 62 10.62 21.24 -10.85
CA MET A 62 10.41 22.63 -11.28
C MET A 62 11.60 23.35 -10.60
N HIS A 63 12.01 22.83 -9.44
CA HIS A 63 13.12 23.33 -8.60
C HIS A 63 14.53 23.13 -9.13
N ASP A 64 14.67 22.36 -10.21
CA ASP A 64 15.98 22.06 -10.82
C ASP A 64 16.13 22.68 -12.20
N HIS A 65 15.09 23.38 -12.61
CA HIS A 65 15.01 23.99 -13.92
C HIS A 65 16.15 24.92 -14.30
N ALA A 66 16.33 25.96 -13.51
CA ALA A 66 17.39 26.92 -13.76
C ALA A 66 18.78 26.29 -13.71
N ASP A 67 18.98 25.32 -12.82
CA ASP A 67 20.25 24.61 -12.74
C ASP A 67 20.57 23.94 -14.09
N TYR A 68 19.51 23.47 -14.76
CA TYR A 68 19.70 22.83 -16.04
C TYR A 68 19.68 23.79 -17.23
N GLY A 69 19.82 25.08 -16.96
CA GLY A 69 19.85 26.05 -18.04
C GLY A 69 18.53 26.64 -18.44
N PHE A 70 17.44 26.17 -17.87
CA PHE A 70 16.14 26.72 -18.27
C PHE A 70 15.69 27.85 -17.35
N PRO A 71 14.89 28.79 -17.87
CA PRO A 71 14.44 29.87 -16.99
C PRO A 71 13.39 29.30 -16.04
N SER A 72 13.38 29.81 -14.82
CA SER A 72 12.45 29.35 -13.78
C SER A 72 11.02 29.85 -13.93
N CYS A 73 10.08 29.08 -13.37
CA CYS A 73 8.65 29.40 -13.43
C CYS A 73 8.10 30.10 -12.16
N GLU A 74 7.11 30.96 -12.39
CA GLU A 74 6.43 31.75 -11.36
C GLU A 74 5.58 30.96 -10.32
N GLY A 75 5.22 29.72 -10.66
CA GLY A 75 4.44 28.87 -9.77
C GLY A 75 2.91 28.89 -9.82
N LYS A 76 2.30 28.43 -8.73
CA LYS A 76 0.85 28.35 -8.58
C LYS A 76 0.33 27.15 -9.33
N PHE A 77 0.24 26.05 -8.61
CA PHE A 77 -0.25 24.79 -9.13
C PHE A 77 -1.79 24.83 -9.13
N ASN A 78 -2.43 24.04 -9.99
CA ASN A 78 -3.88 24.01 -9.96
C ASN A 78 -4.35 22.59 -9.77
N TRP A 79 -4.89 22.34 -8.58
CA TRP A 79 -5.37 21.03 -8.19
C TRP A 79 -6.56 20.50 -8.97
N ARG A 80 -7.47 21.41 -9.32
CA ARG A 80 -8.69 21.07 -10.06
C ARG A 80 -8.40 20.35 -11.34
N VAL A 81 -7.50 20.94 -12.13
CA VAL A 81 -7.11 20.41 -13.43
C VAL A 81 -6.68 18.96 -13.33
N ILE A 82 -5.67 18.71 -12.52
CA ILE A 82 -5.17 17.36 -12.37
C ILE A 82 -6.20 16.45 -11.72
N LYS A 83 -7.16 16.99 -10.97
CA LYS A 83 -8.17 16.11 -10.37
C LYS A 83 -9.18 15.64 -11.40
N GLU A 84 -9.68 16.55 -12.20
CA GLU A 84 -10.68 16.21 -13.22
C GLU A 84 -10.11 15.06 -14.05
N LYS A 85 -8.83 15.19 -14.37
CA LYS A 85 -8.13 14.21 -15.19
C LYS A 85 -7.90 12.88 -14.51
N ARG A 86 -7.51 12.95 -13.25
CA ARG A 86 -7.26 11.75 -12.50
C ARG A 86 -8.60 10.97 -12.45
N ASP A 87 -9.68 11.68 -12.13
CA ASP A 87 -11.03 11.09 -12.06
C ASP A 87 -11.50 10.46 -13.34
N ALA A 88 -11.18 11.11 -14.45
CA ALA A 88 -11.57 10.63 -15.77
C ALA A 88 -10.89 9.33 -16.11
N TYR A 89 -9.63 9.22 -15.71
CA TYR A 89 -8.82 8.04 -15.98
C TYR A 89 -9.38 6.85 -15.23
N VAL A 90 -9.84 7.11 -14.01
CA VAL A 90 -10.43 6.09 -13.16
C VAL A 90 -11.76 5.59 -13.79
N SER A 91 -12.49 6.48 -14.47
CA SER A 91 -13.72 6.13 -15.17
C SER A 91 -13.39 5.22 -16.35
N ARG A 92 -12.39 5.63 -17.13
CA ARG A 92 -11.93 4.88 -18.28
C ARG A 92 -11.54 3.44 -17.92
N LEU A 93 -10.98 3.26 -16.74
CA LEU A 93 -10.56 1.95 -16.26
C LEU A 93 -11.73 1.12 -15.79
N ASN A 94 -12.71 1.76 -15.14
CA ASN A 94 -13.87 1.02 -14.64
C ASN A 94 -14.54 0.37 -15.84
N ALA A 95 -14.80 1.20 -16.86
CA ALA A 95 -15.42 0.80 -18.11
C ALA A 95 -14.68 -0.40 -18.67
N ILE A 96 -13.36 -0.33 -18.63
CA ILE A 96 -12.49 -1.40 -19.12
C ILE A 96 -12.68 -2.67 -18.32
N TYR A 97 -12.71 -2.54 -17.00
CA TYR A 97 -12.86 -3.69 -16.14
C TYR A 97 -14.23 -4.34 -16.29
N GLN A 98 -15.24 -3.55 -16.64
CA GLN A 98 -16.59 -4.07 -16.87
C GLN A 98 -16.54 -4.92 -18.12
N ASN A 99 -16.08 -4.32 -19.21
CA ASN A 99 -15.91 -4.97 -20.50
C ASN A 99 -15.20 -6.34 -20.41
N ASN A 100 -14.10 -6.41 -19.66
CA ASN A 100 -13.35 -7.66 -19.52
C ASN A 100 -14.18 -8.75 -18.90
N LEU A 101 -14.89 -8.44 -17.83
CA LEU A 101 -15.73 -9.42 -17.14
C LEU A 101 -16.77 -9.94 -18.12
N THR A 102 -17.34 -9.02 -18.88
CA THR A 102 -18.37 -9.36 -19.86
C THR A 102 -17.81 -10.25 -20.96
N LYS A 103 -16.77 -9.81 -21.64
CA LYS A 103 -16.22 -10.62 -22.72
C LYS A 103 -15.67 -11.96 -22.24
N SER A 104 -15.58 -12.12 -20.93
CA SER A 104 -15.07 -13.35 -20.36
C SER A 104 -16.19 -14.23 -19.82
N HIS A 105 -17.42 -13.73 -19.92
CA HIS A 105 -18.62 -14.43 -19.49
C HIS A 105 -18.78 -14.56 -18.00
N ILE A 106 -18.18 -13.63 -17.26
CA ILE A 106 -18.29 -13.64 -15.82
C ILE A 106 -19.47 -12.73 -15.52
N GLU A 107 -20.48 -13.30 -14.87
CA GLU A 107 -21.69 -12.58 -14.48
C GLU A 107 -21.32 -11.62 -13.36
N ILE A 108 -22.06 -10.53 -13.24
CA ILE A 108 -21.80 -9.56 -12.18
C ILE A 108 -23.07 -9.31 -11.39
N ILE A 109 -23.16 -9.89 -10.19
CA ILE A 109 -24.33 -9.67 -9.33
C ILE A 109 -23.99 -8.36 -8.63
N ARG A 110 -24.68 -7.28 -9.00
CA ARG A 110 -24.42 -5.98 -8.41
C ARG A 110 -25.23 -5.72 -7.16
N GLY A 111 -24.53 -5.48 -6.06
CA GLY A 111 -25.17 -5.24 -4.80
C GLY A 111 -24.35 -5.79 -3.67
N HIS A 112 -24.89 -5.70 -2.46
CA HIS A 112 -24.21 -6.16 -1.26
C HIS A 112 -24.51 -7.58 -0.81
N ALA A 113 -23.52 -8.45 -0.86
CA ALA A 113 -23.71 -9.84 -0.45
C ALA A 113 -23.54 -10.11 1.03
N ALA A 114 -24.30 -11.06 1.54
CA ALA A 114 -24.25 -11.43 2.94
C ALA A 114 -24.56 -12.92 2.96
N PHE A 115 -24.02 -13.64 3.94
CA PHE A 115 -24.28 -15.06 4.02
C PHE A 115 -25.64 -15.34 4.66
N THR A 116 -26.16 -16.55 4.44
CA THR A 116 -27.47 -16.92 4.96
C THR A 116 -27.39 -18.04 5.97
N SER A 117 -28.57 -18.44 6.41
CA SER A 117 -28.72 -19.49 7.40
C SER A 117 -28.69 -20.87 6.76
N ASP A 118 -29.02 -20.96 5.48
CA ASP A 118 -29.01 -22.25 4.78
C ASP A 118 -27.75 -23.01 5.18
N PRO A 119 -27.87 -24.30 5.50
CA PRO A 119 -26.71 -25.12 5.90
C PRO A 119 -25.61 -25.02 4.86
N LYS A 120 -25.92 -25.45 3.66
CA LYS A 120 -24.99 -25.39 2.54
C LYS A 120 -24.65 -23.90 2.33
N PRO A 121 -23.33 -23.59 2.29
CA PRO A 121 -22.82 -22.23 2.10
C PRO A 121 -23.61 -21.54 1.00
N THR A 122 -24.37 -20.52 1.38
CA THR A 122 -25.22 -19.77 0.46
C THR A 122 -25.19 -18.29 0.83
N ILE A 123 -25.17 -17.43 -0.16
CA ILE A 123 -25.17 -15.99 0.07
C ILE A 123 -26.42 -15.40 -0.55
N GLU A 124 -26.79 -14.19 -0.17
CA GLU A 124 -27.97 -13.59 -0.70
C GLU A 124 -27.77 -12.13 -1.08
N VAL A 125 -27.83 -11.84 -2.37
CA VAL A 125 -27.66 -10.49 -2.83
C VAL A 125 -29.03 -9.93 -3.19
N SER A 126 -29.49 -8.95 -2.40
CA SER A 126 -30.79 -8.28 -2.60
C SER A 126 -32.03 -9.17 -2.54
N GLY A 127 -32.15 -9.96 -1.48
CA GLY A 127 -33.30 -10.83 -1.33
C GLY A 127 -33.18 -12.12 -2.11
N LYS A 128 -32.31 -12.12 -3.11
CA LYS A 128 -32.07 -13.27 -3.96
C LYS A 128 -30.94 -14.13 -3.41
N LYS A 129 -30.96 -15.42 -3.74
CA LYS A 129 -29.92 -16.32 -3.26
C LYS A 129 -29.07 -16.99 -4.34
N TYR A 130 -27.78 -17.11 -4.04
CA TYR A 130 -26.82 -17.72 -4.94
C TYR A 130 -26.00 -18.63 -4.08
N THR A 131 -25.56 -19.74 -4.63
CA THR A 131 -24.73 -20.66 -3.90
C THR A 131 -23.72 -21.21 -4.89
N ALA A 132 -22.74 -21.96 -4.41
CA ALA A 132 -21.71 -22.53 -5.26
C ALA A 132 -20.82 -23.47 -4.46
N PRO A 133 -20.15 -24.41 -5.15
CA PRO A 133 -19.29 -25.34 -4.42
C PRO A 133 -18.03 -24.64 -3.89
N HIS A 134 -17.76 -23.45 -4.42
CA HIS A 134 -16.60 -22.68 -4.04
C HIS A 134 -16.95 -21.21 -4.03
N ILE A 135 -16.88 -20.61 -2.85
CA ILE A 135 -17.14 -19.20 -2.66
C ILE A 135 -15.83 -18.55 -2.20
N LEU A 136 -15.47 -17.43 -2.80
CA LEU A 136 -14.26 -16.72 -2.42
C LEU A 136 -14.70 -15.39 -1.85
N ILE A 137 -14.27 -15.11 -0.63
CA ILE A 137 -14.59 -13.86 0.01
C ILE A 137 -13.38 -13.00 -0.23
N ALA A 138 -13.54 -11.92 -0.97
CA ALA A 138 -12.44 -11.02 -1.27
C ALA A 138 -12.99 -9.61 -1.20
N THR A 139 -13.47 -9.24 -0.02
CA THR A 139 -14.09 -7.94 0.29
C THR A 139 -13.16 -6.83 0.77
N GLY A 140 -11.89 -7.17 1.00
CA GLY A 140 -10.91 -6.17 1.41
C GLY A 140 -11.02 -5.50 2.76
N GLY A 141 -10.66 -4.22 2.81
CA GLY A 141 -10.72 -3.50 4.06
C GLY A 141 -11.05 -2.02 3.88
N MET A 142 -10.84 -1.22 4.93
CA MET A 142 -11.13 0.20 4.85
C MET A 142 -10.34 1.01 5.87
N PRO A 143 -10.10 2.29 5.58
CA PRO A 143 -9.32 3.09 6.52
C PRO A 143 -9.99 3.20 7.89
N SER A 144 -9.23 2.92 8.94
CA SER A 144 -9.78 3.02 10.29
C SER A 144 -9.63 4.44 10.75
N THR A 145 -10.58 4.87 11.59
CA THR A 145 -10.65 6.22 12.15
C THR A 145 -10.92 6.10 13.66
N PRO A 146 -10.37 7.03 14.49
CA PRO A 146 -10.57 7.02 15.95
C PRO A 146 -11.97 7.44 16.41
N HIS A 147 -12.49 6.74 17.41
CA HIS A 147 -13.82 7.01 17.94
C HIS A 147 -13.84 8.32 18.71
N GLU A 148 -14.89 9.11 18.53
CA GLU A 148 -14.99 10.37 19.24
C GLU A 148 -14.88 10.16 20.73
N SER A 149 -15.09 8.93 21.19
CA SER A 149 -14.97 8.71 22.60
C SER A 149 -13.56 9.07 23.08
N GLN A 150 -12.53 8.39 22.57
CA GLN A 150 -11.17 8.70 23.02
C GLN A 150 -10.56 9.96 22.42
N ILE A 151 -10.85 10.24 21.15
CA ILE A 151 -10.33 11.46 20.53
C ILE A 151 -11.52 12.30 20.14
N PRO A 152 -12.03 13.08 21.10
CA PRO A 152 -13.17 13.94 20.81
C PRO A 152 -12.84 14.86 19.64
N GLY A 153 -13.61 14.73 18.56
CA GLY A 153 -13.41 15.56 17.38
C GLY A 153 -12.66 14.83 16.28
N ALA A 154 -12.38 13.56 16.50
CA ALA A 154 -11.68 12.71 15.56
C ALA A 154 -12.35 12.66 14.20
N SER A 155 -13.67 12.60 14.20
CA SER A 155 -14.44 12.53 12.96
C SER A 155 -14.30 13.76 12.11
N LEU A 156 -13.85 14.86 12.70
CA LEU A 156 -13.67 16.10 11.94
C LEU A 156 -12.67 15.94 10.77
N GLY A 157 -11.72 14.99 10.88
CA GLY A 157 -10.72 14.77 9.86
C GLY A 157 -11.09 13.76 8.78
N ILE A 158 -10.26 13.67 7.73
CA ILE A 158 -10.52 12.77 6.62
C ILE A 158 -9.57 11.59 6.57
N THR A 159 -9.78 10.69 5.60
CA THR A 159 -8.92 9.54 5.39
C THR A 159 -8.40 9.61 3.95
N SER A 160 -7.67 8.57 3.51
CA SER A 160 -7.11 8.51 2.15
C SER A 160 -8.23 8.57 1.09
N ASP A 161 -9.35 7.93 1.40
CA ASP A 161 -10.51 7.95 0.54
C ASP A 161 -10.94 9.40 0.36
N GLY A 162 -11.02 10.11 1.48
CA GLY A 162 -11.42 11.51 1.44
C GLY A 162 -10.39 12.40 0.80
N PHE A 163 -9.17 11.90 0.70
CA PHE A 163 -8.08 12.66 0.08
C PHE A 163 -8.41 12.73 -1.42
N PHE A 164 -8.86 11.60 -1.95
CA PHE A 164 -9.20 11.53 -3.36
C PHE A 164 -10.47 12.24 -3.69
N GLN A 165 -11.05 12.86 -2.68
CA GLN A 165 -12.27 13.62 -2.87
C GLN A 165 -11.95 15.10 -2.75
N LEU A 166 -10.75 15.41 -2.30
CA LEU A 166 -10.37 16.80 -2.16
C LEU A 166 -10.40 17.51 -3.52
N GLU A 167 -11.02 18.68 -3.57
CA GLU A 167 -11.12 19.43 -4.82
C GLU A 167 -10.29 20.68 -4.96
N GLU A 168 -9.52 21.04 -3.94
CA GLU A 168 -8.62 22.19 -3.95
C GLU A 168 -7.52 21.77 -3.01
N LEU A 169 -6.31 22.31 -3.17
CA LEU A 169 -5.19 21.91 -2.30
C LEU A 169 -5.29 22.49 -0.89
N PRO A 170 -5.16 21.64 0.14
CA PRO A 170 -5.23 22.08 1.55
C PRO A 170 -4.09 23.03 1.81
N GLY A 171 -4.37 24.18 2.41
CA GLY A 171 -3.30 25.13 2.70
C GLY A 171 -2.39 24.58 3.77
N ARG A 172 -2.99 24.20 4.88
CA ARG A 172 -2.27 23.64 6.01
C ARG A 172 -2.71 22.17 6.14
N SER A 173 -1.75 21.28 6.10
CA SER A 173 -2.04 19.87 6.24
C SER A 173 -1.33 19.30 7.45
N VAL A 174 -2.01 18.40 8.17
CA VAL A 174 -1.44 17.70 9.31
C VAL A 174 -1.88 16.29 9.05
N ILE A 175 -0.93 15.37 9.05
CA ILE A 175 -1.21 13.96 8.78
C ILE A 175 -0.77 13.17 9.98
N VAL A 176 -1.62 12.27 10.45
CA VAL A 176 -1.30 11.47 11.60
C VAL A 176 -1.07 10.05 11.16
N GLY A 177 0.19 9.62 11.22
CA GLY A 177 0.50 8.27 10.84
C GLY A 177 1.94 8.17 10.44
N ALA A 178 2.48 6.96 10.51
CA ALA A 178 3.87 6.72 10.19
C ALA A 178 4.15 5.57 9.20
N GLY A 179 3.09 5.09 8.53
CA GLY A 179 3.22 4.02 7.54
C GLY A 179 3.35 4.56 6.13
N TYR A 180 3.41 3.68 5.16
CA TYR A 180 3.56 4.10 3.77
C TYR A 180 2.50 5.10 3.25
N ILE A 181 1.23 4.87 3.59
CA ILE A 181 0.16 5.75 3.11
C ILE A 181 0.39 7.16 3.65
N ALA A 182 0.63 7.23 4.96
CA ALA A 182 0.91 8.47 5.71
C ALA A 182 2.03 9.21 5.07
N VAL A 183 3.12 8.50 4.84
CA VAL A 183 4.32 9.05 4.24
C VAL A 183 4.04 9.59 2.82
N GLU A 184 3.31 8.82 2.02
CA GLU A 184 2.97 9.19 0.66
C GLU A 184 2.07 10.42 0.61
N MET A 185 1.04 10.45 1.43
CA MET A 185 0.17 11.61 1.49
C MET A 185 0.99 12.84 1.89
N ALA A 186 1.84 12.71 2.89
CA ALA A 186 2.66 13.85 3.33
C ALA A 186 3.60 14.31 2.22
N GLY A 187 4.15 13.37 1.48
CA GLY A 187 5.06 13.71 0.39
C GLY A 187 4.44 14.40 -0.82
N ILE A 188 3.19 14.05 -1.12
CA ILE A 188 2.41 14.61 -2.23
C ILE A 188 1.88 16.01 -1.94
N LEU A 189 1.29 16.15 -0.76
CA LEU A 189 0.73 17.40 -0.31
C LEU A 189 1.82 18.44 -0.14
N SER A 190 2.92 18.04 0.48
CA SER A 190 4.05 18.94 0.72
C SER A 190 4.74 19.42 -0.59
N ALA A 191 5.01 18.50 -1.51
CA ALA A 191 5.63 18.84 -2.79
C ALA A 191 4.72 19.77 -3.61
N LEU A 192 3.42 19.51 -3.55
CA LEU A 192 2.46 20.34 -4.27
C LEU A 192 2.14 21.68 -3.58
N GLY A 193 2.80 22.00 -2.47
CA GLY A 193 2.56 23.28 -1.80
C GLY A 193 1.89 23.38 -0.43
N SER A 194 1.29 22.32 0.09
CA SER A 194 0.65 22.45 1.39
C SER A 194 1.66 22.54 2.51
N LYS A 195 1.37 23.32 3.55
CA LYS A 195 2.27 23.40 4.70
C LYS A 195 1.95 22.12 5.47
N THR A 196 2.78 21.12 5.32
CA THR A 196 2.52 19.83 5.92
C THR A 196 3.28 19.48 7.20
N SER A 197 2.63 18.69 8.05
CA SER A 197 3.19 18.19 9.30
C SER A 197 2.82 16.71 9.36
N LEU A 198 3.75 15.83 9.74
CA LEU A 198 3.45 14.41 9.85
C LEU A 198 3.61 14.04 11.33
N MET A 199 2.50 13.68 11.97
CA MET A 199 2.51 13.35 13.38
C MET A 199 2.66 11.88 13.62
N ILE A 200 3.76 11.52 14.26
CA ILE A 200 4.10 10.14 14.55
C ILE A 200 4.34 9.93 16.05
N ARG A 201 3.98 8.74 16.53
CA ARG A 201 4.14 8.36 17.93
C ARG A 201 5.59 8.11 18.36
N HIS A 202 6.50 8.04 17.40
CA HIS A 202 7.91 7.78 17.71
C HIS A 202 8.86 8.74 17.04
N ASP A 203 10.06 8.27 16.79
CA ASP A 203 11.10 9.08 16.20
C ASP A 203 11.27 8.95 14.70
N LYS A 204 10.88 7.82 14.15
CA LYS A 204 11.04 7.58 12.73
C LYS A 204 9.79 6.97 12.09
N VAL A 205 9.72 7.01 10.77
CA VAL A 205 8.57 6.47 10.07
C VAL A 205 8.92 5.07 9.58
N LEU A 206 7.94 4.39 8.99
CA LEU A 206 8.17 3.06 8.43
C LEU A 206 9.08 2.23 9.29
N ARG A 207 8.79 2.23 10.60
CA ARG A 207 9.59 1.52 11.58
C ARG A 207 9.72 0.02 11.37
N SER A 208 8.85 -0.55 10.55
CA SER A 208 8.91 -1.98 10.25
C SER A 208 9.81 -2.28 9.05
N PHE A 209 10.44 -1.24 8.48
CA PHE A 209 11.32 -1.43 7.36
C PHE A 209 12.75 -1.54 7.87
N ASP A 210 13.70 -1.82 7.00
CA ASP A 210 15.05 -1.93 7.50
C ASP A 210 15.44 -0.58 8.07
N SER A 211 16.17 -0.59 9.19
CA SER A 211 16.60 0.63 9.87
C SER A 211 17.18 1.73 8.97
N MET A 212 17.92 1.32 7.95
CA MET A 212 18.50 2.29 7.04
C MET A 212 17.41 3.06 6.30
N ILE A 213 16.27 2.41 6.11
CA ILE A 213 15.17 3.05 5.42
C ILE A 213 14.38 3.96 6.32
N SER A 214 13.98 3.51 7.50
CA SER A 214 13.21 4.40 8.37
C SER A 214 14.04 5.61 8.70
N THR A 215 15.34 5.39 8.90
CA THR A 215 16.24 6.50 9.21
C THR A 215 16.37 7.47 8.04
N ASN A 216 16.70 6.95 6.86
CA ASN A 216 16.83 7.79 5.70
C ASN A 216 15.52 8.48 5.32
N CYS A 217 14.42 7.74 5.38
CA CYS A 217 13.10 8.27 5.01
C CYS A 217 12.58 9.36 5.91
N THR A 218 12.91 9.29 7.20
CA THR A 218 12.50 10.32 8.15
C THR A 218 13.33 11.58 7.84
N GLU A 219 14.57 11.36 7.42
CA GLU A 219 15.48 12.44 7.10
C GLU A 219 15.12 13.20 5.84
N GLU A 220 14.88 12.46 4.76
CA GLU A 220 14.53 13.06 3.47
C GLU A 220 13.20 13.79 3.54
N LEU A 221 12.33 13.34 4.45
CA LEU A 221 11.06 14.01 4.63
C LEU A 221 11.39 15.36 5.24
N GLU A 222 12.17 15.36 6.31
CA GLU A 222 12.55 16.60 6.96
C GLU A 222 13.21 17.55 5.99
N ASN A 223 14.15 17.03 5.20
CA ASN A 223 14.88 17.82 4.20
C ASN A 223 14.02 18.39 3.08
N ALA A 224 12.85 17.80 2.85
CA ALA A 224 11.92 18.24 1.81
C ALA A 224 10.92 19.27 2.32
N GLY A 225 11.01 19.58 3.62
CA GLY A 225 10.13 20.57 4.20
C GLY A 225 8.89 20.08 4.90
N VAL A 226 8.84 18.78 5.17
CA VAL A 226 7.69 18.22 5.86
C VAL A 226 8.03 18.21 7.32
N GLU A 227 7.26 18.92 8.12
CA GLU A 227 7.55 18.94 9.53
C GLU A 227 7.11 17.60 10.12
N VAL A 228 8.06 16.88 10.72
CA VAL A 228 7.75 15.62 11.36
C VAL A 228 7.66 15.93 12.87
N LEU A 229 6.51 15.62 13.45
CA LEU A 229 6.24 15.82 14.87
C LEU A 229 6.39 14.45 15.50
N LYS A 230 7.50 14.24 16.20
CA LYS A 230 7.79 12.95 16.83
C LYS A 230 7.21 12.79 18.24
N PHE A 231 7.01 11.55 18.64
CA PHE A 231 6.46 11.24 19.97
C PHE A 231 5.22 12.05 20.26
N SER A 232 4.55 12.52 19.21
CA SER A 232 3.35 13.32 19.32
C SER A 232 2.11 12.54 18.96
N GLN A 233 0.96 13.00 19.42
CA GLN A 233 -0.30 12.36 19.11
C GLN A 233 -1.46 13.28 19.38
N VAL A 234 -2.57 13.06 18.67
CA VAL A 234 -3.72 13.94 18.83
C VAL A 234 -4.52 13.64 20.09
N LYS A 235 -4.87 14.70 20.80
CA LYS A 235 -5.62 14.59 22.02
C LYS A 235 -7.07 14.89 21.67
N GLU A 236 -7.29 15.95 20.92
CA GLU A 236 -8.63 16.32 20.49
C GLU A 236 -8.58 17.25 19.30
N VAL A 237 -9.72 17.41 18.64
CA VAL A 237 -9.78 18.26 17.46
C VAL A 237 -11.02 19.12 17.59
N LYS A 238 -10.95 20.36 17.12
CA LYS A 238 -12.10 21.26 17.20
C LYS A 238 -12.19 22.11 15.95
N LYS A 239 -13.40 22.47 15.57
CA LYS A 239 -13.62 23.31 14.39
C LYS A 239 -13.65 24.76 14.87
N THR A 240 -12.73 25.58 14.39
CA THR A 240 -12.67 26.98 14.79
C THR A 240 -13.14 27.80 13.61
N LEU A 241 -13.00 29.12 13.73
CA LEU A 241 -13.41 30.05 12.67
C LEU A 241 -12.70 29.72 11.34
N SER A 242 -11.40 29.50 11.44
CA SER A 242 -10.54 29.20 10.29
C SER A 242 -9.91 27.83 10.51
N GLY A 243 -10.50 26.83 9.87
CA GLY A 243 -9.99 25.48 9.99
C GLY A 243 -10.05 24.91 11.38
N LEU A 244 -9.54 23.70 11.53
CA LEU A 244 -9.53 22.98 12.79
C LEU A 244 -8.37 23.42 13.70
N GLU A 245 -8.48 23.08 14.98
CA GLU A 245 -7.46 23.36 15.98
C GLU A 245 -7.08 22.01 16.56
N VAL A 246 -5.86 21.55 16.29
CA VAL A 246 -5.43 20.25 16.76
C VAL A 246 -4.56 20.35 17.98
N SER A 247 -4.95 19.64 19.02
CA SER A 247 -4.20 19.63 20.26
C SER A 247 -3.53 18.29 20.34
N MET A 248 -2.22 18.28 20.48
CA MET A 248 -1.48 17.05 20.56
C MET A 248 -0.62 17.05 21.79
N VAL A 249 -0.19 15.86 22.20
CA VAL A 249 0.66 15.69 23.37
C VAL A 249 1.97 15.11 22.93
N THR A 250 3.06 15.79 23.23
CA THR A 250 4.39 15.29 22.86
C THR A 250 5.09 14.74 24.12
N ALA A 251 5.40 13.45 24.11
CA ALA A 251 6.05 12.79 25.22
C ALA A 251 7.38 12.19 24.80
N VAL A 252 8.37 13.06 24.60
CA VAL A 252 9.72 12.65 24.19
C VAL A 252 10.36 12.06 25.43
N PRO A 253 10.85 10.82 25.35
CA PRO A 253 11.48 10.21 26.53
C PRO A 253 12.61 11.06 27.10
N GLY A 254 12.64 11.16 28.43
CA GLY A 254 13.65 11.96 29.09
C GLY A 254 13.12 13.33 29.46
N ARG A 255 11.99 13.73 28.87
CA ARG A 255 11.41 15.03 29.16
C ARG A 255 9.97 14.88 29.66
N LEU A 256 9.45 15.99 30.20
CA LEU A 256 8.07 16.05 30.66
C LEU A 256 7.22 16.38 29.44
N PRO A 257 6.00 15.84 29.39
CA PRO A 257 5.06 16.07 28.28
C PRO A 257 4.61 17.53 28.12
N VAL A 258 4.27 17.90 26.89
CA VAL A 258 3.82 19.25 26.58
C VAL A 258 2.64 19.21 25.63
N MET A 259 1.61 19.98 25.93
CA MET A 259 0.42 20.05 25.08
C MET A 259 0.69 21.15 24.07
N THR A 260 0.20 20.97 22.86
CA THR A 260 0.41 21.95 21.82
C THR A 260 -0.87 22.02 20.95
N MET A 261 -1.24 23.24 20.55
CA MET A 261 -2.41 23.50 19.70
C MET A 261 -1.89 23.83 18.34
N ILE A 262 -2.33 23.12 17.31
CA ILE A 262 -1.95 23.43 15.96
C ILE A 262 -3.24 24.06 15.46
N PRO A 263 -3.19 25.33 15.08
CA PRO A 263 -4.38 26.02 14.60
C PRO A 263 -4.38 26.24 13.09
N ASP A 264 -5.53 26.66 12.58
CA ASP A 264 -5.68 26.97 11.17
C ASP A 264 -5.40 25.79 10.25
N VAL A 265 -5.70 24.57 10.73
CA VAL A 265 -5.48 23.35 9.95
C VAL A 265 -6.67 23.09 9.03
N ASP A 266 -6.43 23.12 7.72
CA ASP A 266 -7.50 22.90 6.75
C ASP A 266 -7.80 21.43 6.62
N CYS A 267 -6.74 20.63 6.70
CA CYS A 267 -6.85 19.19 6.56
C CYS A 267 -6.14 18.38 7.65
N LEU A 268 -6.88 17.48 8.27
CA LEU A 268 -6.35 16.59 9.31
C LEU A 268 -6.66 15.27 8.66
N LEU A 269 -5.63 14.51 8.34
CA LEU A 269 -5.84 13.26 7.68
C LEU A 269 -5.42 12.08 8.53
N TRP A 270 -6.33 11.13 8.77
CA TRP A 270 -6.01 9.95 9.55
C TRP A 270 -5.43 8.88 8.66
N ALA A 271 -4.15 8.58 8.83
CA ALA A 271 -3.52 7.51 8.06
C ALA A 271 -2.95 6.56 9.10
N ILE A 272 -3.84 6.13 9.98
CA ILE A 272 -3.47 5.26 11.09
C ILE A 272 -3.67 3.76 10.87
N GLY A 273 -4.50 3.35 9.93
CA GLY A 273 -4.67 1.91 9.73
C GLY A 273 -5.77 1.56 8.75
N ARG A 274 -5.93 0.27 8.52
CA ARG A 274 -6.93 -0.31 7.61
C ARG A 274 -7.62 -1.40 8.41
N VAL A 275 -8.94 -1.43 8.39
CA VAL A 275 -9.67 -2.43 9.14
C VAL A 275 -10.36 -3.33 8.12
N PRO A 276 -10.45 -4.62 8.42
CA PRO A 276 -11.11 -5.54 7.47
C PRO A 276 -12.59 -5.28 7.29
N ASN A 277 -13.07 -5.48 6.07
CA ASN A 277 -14.47 -5.26 5.76
C ASN A 277 -15.25 -6.56 5.89
N THR A 278 -15.50 -7.02 7.11
CA THR A 278 -16.21 -8.29 7.30
C THR A 278 -17.51 -8.43 8.12
N LYS A 279 -17.92 -7.43 8.89
CA LYS A 279 -19.14 -7.57 9.68
C LYS A 279 -20.37 -8.00 8.89
N ASP A 280 -20.93 -7.04 8.16
CA ASP A 280 -22.14 -7.23 7.37
C ASP A 280 -22.22 -8.44 6.44
N LEU A 281 -21.16 -9.25 6.41
CA LEU A 281 -21.11 -10.47 5.61
C LEU A 281 -21.86 -11.59 6.35
N SER A 282 -22.12 -11.36 7.63
CA SER A 282 -22.80 -12.34 8.45
C SER A 282 -21.97 -13.64 8.47
N LEU A 283 -20.72 -13.49 8.89
CA LEU A 283 -19.79 -14.61 8.99
C LEU A 283 -20.23 -15.57 10.09
N ASN A 284 -20.85 -14.97 11.10
CA ASN A 284 -21.38 -15.65 12.27
C ASN A 284 -22.40 -16.72 11.96
N LYS A 285 -22.98 -16.69 10.77
CA LYS A 285 -23.97 -17.68 10.41
C LYS A 285 -23.36 -19.01 9.99
N LEU A 286 -22.06 -19.02 9.69
CA LEU A 286 -21.40 -20.26 9.29
C LEU A 286 -20.28 -20.60 10.27
N GLY A 287 -20.07 -19.72 11.25
CA GLY A 287 -19.03 -19.93 12.23
C GLY A 287 -17.65 -19.72 11.64
N ILE A 288 -17.61 -19.01 10.52
CA ILE A 288 -16.37 -18.71 9.83
C ILE A 288 -15.50 -17.97 10.82
N GLN A 289 -14.24 -18.40 10.93
CA GLN A 289 -13.28 -17.80 11.84
C GLN A 289 -12.74 -16.46 11.40
N THR A 290 -12.39 -15.64 12.38
CA THR A 290 -11.80 -14.33 12.23
C THR A 290 -10.95 -14.08 13.47
N ASP A 291 -10.00 -13.17 13.38
CA ASP A 291 -9.17 -12.86 14.53
C ASP A 291 -9.92 -11.83 15.35
N ASP A 292 -9.29 -11.38 16.43
CA ASP A 292 -9.90 -10.38 17.31
C ASP A 292 -10.29 -9.07 16.58
N LYS A 293 -9.64 -8.75 15.46
CA LYS A 293 -9.96 -7.53 14.72
C LYS A 293 -10.89 -7.70 13.53
N GLY A 294 -11.47 -8.88 13.35
CA GLY A 294 -12.36 -9.06 12.23
C GLY A 294 -11.74 -9.64 10.96
N HIS A 295 -10.41 -9.77 10.88
CA HIS A 295 -9.81 -10.34 9.68
C HIS A 295 -10.26 -11.78 9.61
N ILE A 296 -10.43 -12.30 8.40
CA ILE A 296 -10.82 -13.68 8.25
C ILE A 296 -9.55 -14.52 8.35
N ILE A 297 -9.62 -15.60 9.11
CA ILE A 297 -8.51 -16.54 9.32
C ILE A 297 -8.57 -17.60 8.20
N VAL A 298 -7.45 -17.76 7.49
CA VAL A 298 -7.34 -18.75 6.41
C VAL A 298 -6.03 -19.52 6.64
N ASP A 299 -5.73 -20.48 5.77
CA ASP A 299 -4.50 -21.24 5.89
C ASP A 299 -3.57 -20.94 4.71
N GLU A 300 -2.54 -21.76 4.52
CA GLU A 300 -1.58 -21.52 3.45
C GLU A 300 -2.23 -21.57 2.07
N PHE A 301 -3.32 -22.33 1.96
CA PHE A 301 -4.04 -22.49 0.71
C PHE A 301 -5.25 -21.57 0.61
N GLN A 302 -5.30 -20.55 1.48
CA GLN A 302 -6.38 -19.59 1.51
C GLN A 302 -7.70 -20.17 1.96
N ASN A 303 -7.63 -21.26 2.72
CA ASN A 303 -8.83 -21.96 3.23
C ASN A 303 -9.36 -21.39 4.54
N THR A 304 -10.67 -21.15 4.64
CA THR A 304 -11.25 -20.68 5.90
C THR A 304 -11.49 -21.97 6.66
N ASN A 305 -12.18 -21.92 7.79
CA ASN A 305 -12.43 -23.16 8.54
C ASN A 305 -13.63 -23.93 7.96
N VAL A 306 -14.32 -23.27 7.05
CA VAL A 306 -15.49 -23.81 6.40
C VAL A 306 -15.17 -24.30 4.98
N LYS A 307 -15.64 -25.52 4.65
CA LYS A 307 -15.44 -26.14 3.34
C LYS A 307 -16.13 -25.34 2.24
N GLY A 308 -15.44 -25.17 1.12
CA GLY A 308 -16.01 -24.44 0.00
C GLY A 308 -15.99 -22.93 0.14
N ILE A 309 -15.30 -22.38 1.15
CA ILE A 309 -15.15 -20.93 1.37
C ILE A 309 -13.68 -20.55 1.56
N TYR A 310 -13.27 -19.43 0.96
CA TYR A 310 -11.86 -19.00 1.00
C TYR A 310 -11.82 -17.53 1.18
N ALA A 311 -10.63 -17.00 1.46
CA ALA A 311 -10.48 -15.56 1.61
C ALA A 311 -9.16 -15.14 1.03
N VAL A 312 -9.12 -13.98 0.38
CA VAL A 312 -7.87 -13.45 -0.18
C VAL A 312 -7.84 -11.94 -0.11
N GLY A 313 -6.63 -11.40 -0.13
CA GLY A 313 -6.45 -9.96 -0.08
C GLY A 313 -6.42 -9.39 1.31
N ASP A 314 -6.65 -8.08 1.37
CA ASP A 314 -6.63 -7.32 2.60
C ASP A 314 -7.47 -7.90 3.72
N VAL A 315 -8.59 -8.51 3.33
CA VAL A 315 -9.57 -9.07 4.26
C VAL A 315 -8.95 -10.09 5.22
N CYS A 316 -7.84 -10.67 4.80
CA CYS A 316 -7.13 -11.66 5.61
C CYS A 316 -6.16 -10.98 6.54
N GLY A 317 -5.66 -9.82 6.12
CA GLY A 317 -4.73 -9.08 6.93
C GLY A 317 -3.28 -9.19 6.54
N LYS A 318 -2.90 -10.27 5.88
CA LYS A 318 -1.52 -10.47 5.49
C LYS A 318 -1.12 -9.83 4.13
N ALA A 319 -0.05 -9.02 4.16
CA ALA A 319 0.51 -8.33 3.00
C ALA A 319 -0.55 -7.54 2.24
N LEU A 320 -0.78 -6.31 2.66
CA LEU A 320 -1.82 -5.48 2.08
C LEU A 320 -1.42 -4.79 0.77
N LEU A 321 -1.25 -5.59 -0.27
CA LEU A 321 -0.87 -5.09 -1.57
C LEU A 321 -1.69 -5.74 -2.71
N THR A 322 -2.05 -4.96 -3.71
CA THR A 322 -2.79 -5.44 -4.86
C THR A 322 -2.18 -6.70 -5.49
N PRO A 323 -0.88 -6.67 -5.87
CA PRO A 323 -0.36 -7.91 -6.47
C PRO A 323 -0.30 -9.18 -5.58
N VAL A 324 -0.54 -9.04 -4.26
CA VAL A 324 -0.56 -10.19 -3.35
C VAL A 324 -1.99 -10.75 -3.43
N ALA A 325 -2.96 -9.85 -3.47
CA ALA A 325 -4.36 -10.21 -3.60
C ALA A 325 -4.53 -10.95 -4.93
N ILE A 326 -4.03 -10.36 -6.02
CA ILE A 326 -4.08 -10.97 -7.33
C ILE A 326 -3.43 -12.36 -7.30
N ALA A 327 -2.16 -12.42 -6.96
CA ALA A 327 -1.43 -13.69 -6.90
C ALA A 327 -2.12 -14.80 -6.13
N ALA A 328 -2.83 -14.44 -5.08
CA ALA A 328 -3.54 -15.39 -4.25
C ALA A 328 -4.83 -15.91 -4.91
N GLY A 329 -5.50 -15.04 -5.68
CA GLY A 329 -6.73 -15.43 -6.35
C GLY A 329 -6.42 -16.28 -7.56
N ARG A 330 -5.34 -15.94 -8.23
CA ARG A 330 -4.87 -16.66 -9.41
C ARG A 330 -4.41 -18.05 -8.98
N LYS A 331 -3.61 -18.13 -7.93
CA LYS A 331 -3.15 -19.45 -7.46
C LYS A 331 -4.31 -20.31 -6.98
N LEU A 332 -5.29 -19.69 -6.33
CA LEU A 332 -6.47 -20.40 -5.82
C LEU A 332 -7.27 -20.97 -6.98
N ALA A 333 -7.59 -20.12 -7.95
CA ALA A 333 -8.33 -20.55 -9.12
C ALA A 333 -7.67 -21.78 -9.73
N HIS A 334 -6.36 -21.83 -9.76
CA HIS A 334 -5.67 -22.97 -10.34
C HIS A 334 -5.76 -24.18 -9.47
N ARG A 335 -5.72 -23.99 -8.16
CA ARG A 335 -5.85 -25.14 -7.27
C ARG A 335 -7.24 -25.73 -7.44
N LEU A 336 -8.27 -24.89 -7.42
CA LEU A 336 -9.66 -25.34 -7.52
C LEU A 336 -10.09 -25.87 -8.86
N PHE A 337 -9.86 -25.08 -9.91
CA PHE A 337 -10.25 -25.44 -11.27
C PHE A 337 -9.24 -26.19 -12.13
N GLU A 338 -7.96 -26.13 -11.80
CA GLU A 338 -6.98 -26.91 -12.54
C GLU A 338 -6.45 -28.05 -11.69
N TYR A 339 -7.10 -28.25 -10.54
CA TYR A 339 -6.80 -29.34 -9.62
C TYR A 339 -5.35 -29.50 -9.16
N LYS A 340 -4.59 -28.41 -9.08
CA LYS A 340 -3.20 -28.55 -8.61
C LYS A 340 -3.18 -28.26 -7.11
N GLU A 341 -3.30 -29.35 -6.35
CA GLU A 341 -3.35 -29.34 -4.89
C GLU A 341 -2.33 -28.44 -4.22
N ASP A 342 -1.19 -28.29 -4.89
CA ASP A 342 -0.07 -27.51 -4.41
C ASP A 342 0.00 -26.04 -4.78
N SER A 343 -1.02 -25.48 -5.42
CA SER A 343 -0.93 -24.08 -5.76
C SER A 343 -1.38 -23.16 -4.62
N LYS A 344 -0.36 -22.57 -4.00
CA LYS A 344 -0.47 -21.62 -2.88
C LYS A 344 0.52 -20.51 -3.25
N LEU A 345 0.39 -19.35 -2.61
CA LEU A 345 1.30 -18.25 -2.86
C LEU A 345 2.33 -18.25 -1.76
N ASP A 346 3.61 -18.12 -2.13
CA ASP A 346 4.71 -18.05 -1.19
C ASP A 346 4.74 -16.57 -0.76
N TYR A 347 4.48 -16.32 0.52
CA TYR A 347 4.48 -14.95 1.05
C TYR A 347 5.85 -14.36 1.41
N ASN A 348 6.92 -15.06 1.05
CA ASN A 348 8.27 -14.59 1.31
C ASN A 348 8.85 -13.92 0.09
N ASN A 349 9.63 -12.86 0.28
CA ASN A 349 10.25 -12.13 -0.83
C ASN A 349 9.29 -11.42 -1.76
N ILE A 350 8.27 -10.80 -1.17
CA ILE A 350 7.26 -10.04 -1.89
C ILE A 350 7.88 -8.67 -1.94
N PRO A 351 8.01 -8.09 -3.15
CA PRO A 351 8.59 -6.77 -3.31
C PRO A 351 7.60 -5.64 -3.10
N THR A 352 8.07 -4.56 -2.50
CA THR A 352 7.22 -3.43 -2.24
C THR A 352 7.97 -2.13 -2.49
N VAL A 353 7.22 -1.17 -2.98
CA VAL A 353 7.70 0.14 -3.32
C VAL A 353 6.78 1.12 -2.64
N VAL A 354 7.39 2.13 -2.03
CA VAL A 354 6.70 3.18 -1.34
C VAL A 354 7.10 4.41 -2.15
N PHE A 355 6.10 5.06 -2.75
CA PHE A 355 6.32 6.22 -3.57
C PHE A 355 6.52 7.50 -2.80
N SER A 356 7.63 7.57 -2.09
CA SER A 356 7.93 8.76 -1.36
C SER A 356 8.89 9.48 -2.27
N HIS A 357 9.52 10.51 -1.74
CA HIS A 357 10.47 11.28 -2.49
C HIS A 357 11.76 11.30 -1.72
N PRO A 358 12.77 10.52 -2.14
CA PRO A 358 12.84 9.61 -3.29
C PRO A 358 12.11 8.30 -2.97
N PRO A 359 11.75 7.51 -4.01
CA PRO A 359 11.04 6.22 -3.92
C PRO A 359 11.82 5.17 -3.14
N ILE A 360 11.09 4.31 -2.42
CA ILE A 360 11.70 3.24 -1.63
C ILE A 360 11.41 1.93 -2.32
N GLY A 361 12.40 1.05 -2.36
CA GLY A 361 12.23 -0.25 -2.96
C GLY A 361 12.73 -1.23 -1.93
N THR A 362 12.01 -2.31 -1.69
CA THR A 362 12.45 -3.26 -0.70
C THR A 362 11.89 -4.67 -0.95
N VAL A 363 12.72 -5.68 -0.74
CA VAL A 363 12.28 -7.06 -0.91
C VAL A 363 13.10 -7.94 0.02
N GLY A 364 12.42 -8.81 0.75
CA GLY A 364 13.11 -9.74 1.62
C GLY A 364 13.22 -9.44 3.11
N LEU A 365 14.31 -9.91 3.70
CA LEU A 365 14.55 -9.76 5.11
C LEU A 365 15.29 -8.49 5.45
N THR A 366 14.89 -7.87 6.56
CA THR A 366 15.56 -6.67 7.04
C THR A 366 16.79 -7.27 7.73
N GLU A 367 17.76 -6.43 8.05
CA GLU A 367 18.96 -6.93 8.69
C GLU A 367 18.65 -7.67 9.98
N ASP A 368 17.68 -7.18 10.72
CA ASP A 368 17.28 -7.80 11.95
C ASP A 368 16.49 -9.07 11.81
N GLU A 369 15.63 -9.12 10.80
CA GLU A 369 14.86 -10.32 10.59
C GLU A 369 15.84 -11.40 10.13
N ALA A 370 16.94 -10.97 9.52
CA ALA A 370 17.96 -11.88 9.03
C ALA A 370 18.80 -12.34 10.21
N ILE A 371 19.21 -11.38 11.05
CA ILE A 371 20.02 -11.66 12.22
C ILE A 371 19.29 -12.63 13.11
N HIS A 372 17.98 -12.46 13.23
CA HIS A 372 17.17 -13.32 14.08
C HIS A 372 17.00 -14.75 13.58
N LYS A 373 16.77 -14.91 12.28
CA LYS A 373 16.58 -16.22 11.68
C LYS A 373 17.88 -16.98 11.40
N TYR A 374 19.01 -16.27 11.39
CA TYR A 374 20.30 -16.91 11.11
C TYR A 374 21.32 -16.78 12.24
N GLY A 375 21.40 -15.59 12.82
CA GLY A 375 22.35 -15.34 13.90
C GLY A 375 23.40 -14.34 13.46
N ILE A 376 23.82 -13.46 14.36
CA ILE A 376 24.82 -12.45 14.00
C ILE A 376 26.03 -13.03 13.31
N GLU A 377 26.51 -14.19 13.74
CA GLU A 377 27.71 -14.76 13.15
C GLU A 377 27.57 -15.04 11.64
N ASN A 378 26.33 -15.29 11.22
CA ASN A 378 26.01 -15.65 9.84
C ASN A 378 25.35 -14.63 8.92
N VAL A 379 25.33 -13.37 9.33
CA VAL A 379 24.71 -12.33 8.51
C VAL A 379 25.71 -11.28 8.17
N LYS A 380 25.93 -11.10 6.87
CA LYS A 380 26.85 -10.07 6.39
C LYS A 380 26.02 -9.11 5.56
N THR A 381 26.13 -7.83 5.88
CA THR A 381 25.39 -6.82 5.12
C THR A 381 26.40 -5.97 4.34
N TYR A 382 26.01 -5.54 3.14
CA TYR A 382 26.85 -4.68 2.32
C TYR A 382 25.99 -3.46 2.08
N SER A 383 26.58 -2.29 1.89
CA SER A 383 25.77 -1.10 1.67
C SER A 383 26.57 0.06 1.12
N THR A 384 25.86 0.98 0.46
CA THR A 384 26.48 2.15 -0.10
C THR A 384 25.55 3.32 0.12
N SER A 385 26.07 4.52 -0.11
CA SER A 385 25.30 5.76 0.03
C SER A 385 26.00 6.77 -0.87
N PHE A 386 25.26 7.40 -1.76
CA PHE A 386 25.84 8.35 -2.69
C PHE A 386 24.79 9.28 -3.21
N THR A 387 25.23 10.34 -3.88
CA THR A 387 24.35 11.33 -4.49
C THR A 387 24.33 11.08 -6.01
N PRO A 388 23.18 10.66 -6.54
CA PRO A 388 22.95 10.35 -7.96
C PRO A 388 23.54 11.44 -8.83
N MET A 389 24.22 11.08 -9.92
CA MET A 389 24.81 12.13 -10.78
C MET A 389 23.84 13.16 -11.38
N TYR A 390 22.55 12.93 -11.20
CA TYR A 390 21.49 13.84 -11.65
C TYR A 390 21.60 15.11 -10.80
N HIS A 391 22.15 14.96 -9.60
CA HIS A 391 22.30 16.04 -8.67
C HIS A 391 23.68 16.63 -8.71
N ALA A 392 24.46 16.21 -9.69
CA ALA A 392 25.82 16.71 -9.84
C ALA A 392 25.82 18.20 -10.21
N VAL A 393 24.74 18.67 -10.82
CA VAL A 393 24.64 20.08 -11.21
C VAL A 393 23.46 20.83 -10.56
N THR A 394 22.92 20.31 -9.45
CA THR A 394 21.78 20.95 -8.78
C THR A 394 22.12 21.43 -7.35
N LYS A 395 21.53 22.53 -6.89
CA LYS A 395 21.79 23.02 -5.53
C LYS A 395 21.12 22.01 -4.63
N ARG A 396 19.94 21.57 -5.06
CA ARG A 396 19.10 20.60 -4.37
C ARG A 396 19.69 19.22 -4.42
N LYS A 397 19.57 18.47 -3.34
CA LYS A 397 20.10 17.10 -3.34
C LYS A 397 19.15 16.15 -2.62
N THR A 398 19.29 14.87 -2.95
CA THR A 398 18.58 13.76 -2.35
C THR A 398 19.66 12.68 -2.41
N LYS A 399 19.70 11.81 -1.43
CA LYS A 399 20.72 10.76 -1.43
C LYS A 399 20.17 9.50 -2.02
N CYS A 400 21.01 8.48 -2.07
CA CYS A 400 20.60 7.17 -2.53
C CYS A 400 21.30 6.18 -1.63
N VAL A 401 20.53 5.42 -0.88
CA VAL A 401 21.09 4.43 0.02
C VAL A 401 20.69 3.04 -0.43
N MET A 402 21.62 2.10 -0.35
CA MET A 402 21.35 0.72 -0.73
C MET A 402 22.01 -0.24 0.25
N LYS A 403 21.22 -1.12 0.86
CA LYS A 403 21.76 -2.13 1.78
C LYS A 403 21.46 -3.48 1.19
N MET A 404 22.37 -4.42 1.35
CA MET A 404 22.23 -5.79 0.83
C MET A 404 22.52 -6.72 2.00
N VAL A 405 21.50 -7.48 2.40
CA VAL A 405 21.60 -8.41 3.52
C VAL A 405 21.85 -9.83 3.04
N CYS A 406 23.01 -10.39 3.36
CA CYS A 406 23.38 -11.76 2.95
C CYS A 406 23.48 -12.71 4.13
N ALA A 407 23.04 -13.94 3.92
CA ALA A 407 23.05 -14.98 4.95
C ALA A 407 23.93 -16.18 4.60
N ASN A 408 24.56 -16.72 5.64
CA ASN A 408 25.46 -17.89 5.54
C ASN A 408 26.70 -17.64 4.70
N LYS A 409 27.53 -18.67 4.53
CA LYS A 409 28.79 -18.55 3.78
C LYS A 409 28.70 -18.37 2.29
N GLU A 410 27.64 -18.87 1.69
CA GLU A 410 27.48 -18.72 0.25
C GLU A 410 27.06 -17.28 -0.02
N GLU A 411 26.49 -16.65 1.00
CA GLU A 411 26.00 -15.28 0.95
C GLU A 411 24.81 -15.20 0.05
N LYS A 412 23.74 -15.88 0.46
CA LYS A 412 22.51 -15.85 -0.30
C LYS A 412 21.94 -14.48 -0.01
N VAL A 413 21.65 -13.73 -1.06
CA VAL A 413 21.10 -12.39 -0.87
C VAL A 413 19.68 -12.53 -0.34
N VAL A 414 19.47 -12.26 0.94
CA VAL A 414 18.14 -12.40 1.50
C VAL A 414 17.35 -11.11 1.71
N GLY A 415 17.90 -9.98 1.25
CA GLY A 415 17.17 -8.73 1.42
C GLY A 415 17.89 -7.58 0.78
N ILE A 416 17.17 -6.78 0.00
CA ILE A 416 17.73 -5.61 -0.66
C ILE A 416 16.79 -4.48 -0.33
N HIS A 417 17.35 -3.39 0.17
CA HIS A 417 16.59 -2.24 0.60
C HIS A 417 17.30 -1.05 0.04
N MET A 418 16.54 -0.07 -0.45
CA MET A 418 17.12 1.13 -1.06
C MET A 418 16.16 2.27 -1.10
N GLN A 419 16.68 3.47 -1.19
CA GLN A 419 15.84 4.62 -1.33
C GLN A 419 16.55 5.61 -2.24
N GLY A 420 15.89 6.04 -3.30
CA GLY A 420 16.55 6.97 -4.17
C GLY A 420 15.83 7.17 -5.50
N LEU A 421 16.38 8.02 -6.35
CA LEU A 421 15.74 8.26 -7.62
C LEU A 421 15.83 7.02 -8.50
N GLY A 422 14.71 6.62 -9.08
CA GLY A 422 14.69 5.46 -9.95
C GLY A 422 14.43 4.14 -9.27
N CYS A 423 14.47 4.14 -7.93
CA CYS A 423 14.26 2.91 -7.16
C CYS A 423 12.91 2.25 -7.29
N ASP A 424 11.96 2.92 -7.93
CA ASP A 424 10.62 2.37 -8.15
C ASP A 424 10.57 1.38 -9.33
N GLU A 425 11.24 1.76 -10.42
CA GLU A 425 11.31 0.90 -11.59
C GLU A 425 12.50 -0.05 -11.46
N MET A 426 13.41 0.25 -10.55
CA MET A 426 14.61 -0.54 -10.35
C MET A 426 14.46 -1.90 -9.67
N LEU A 427 13.47 -2.04 -8.81
CA LEU A 427 13.27 -3.24 -8.01
C LEU A 427 12.80 -4.57 -8.61
N GLN A 428 11.81 -4.55 -9.49
CA GLN A 428 11.27 -5.80 -10.05
C GLN A 428 12.32 -6.79 -10.52
N GLY A 429 13.37 -6.29 -11.15
CA GLY A 429 14.40 -7.18 -11.63
C GLY A 429 15.09 -7.94 -10.53
N PHE A 430 15.59 -7.22 -9.52
CA PHE A 430 16.31 -7.86 -8.39
C PHE A 430 15.39 -8.77 -7.57
N ALA A 431 14.11 -8.44 -7.55
CA ALA A 431 13.09 -9.22 -6.84
C ALA A 431 13.01 -10.59 -7.46
N VAL A 432 13.19 -10.64 -8.78
CA VAL A 432 13.15 -11.91 -9.49
C VAL A 432 14.41 -12.65 -9.04
N ALA A 433 15.55 -11.96 -9.10
CA ALA A 433 16.82 -12.58 -8.72
C ALA A 433 16.77 -13.07 -7.28
N VAL A 434 16.30 -12.22 -6.38
CA VAL A 434 16.24 -12.62 -5.00
C VAL A 434 15.33 -13.83 -4.90
N LYS A 435 14.23 -13.82 -5.62
CA LYS A 435 13.30 -14.95 -5.58
C LYS A 435 13.90 -16.23 -6.14
N MET A 436 14.90 -16.12 -7.00
CA MET A 436 15.54 -17.32 -7.56
C MET A 436 16.58 -17.86 -6.60
N GLY A 437 16.89 -17.09 -5.56
CA GLY A 437 17.88 -17.51 -4.59
C GLY A 437 19.30 -17.14 -4.96
N ALA A 438 19.50 -15.92 -5.45
CA ALA A 438 20.79 -15.45 -5.85
C ALA A 438 21.68 -15.24 -4.68
N THR A 439 22.98 -15.33 -4.94
CA THR A 439 24.01 -15.13 -3.95
C THR A 439 24.72 -13.85 -4.38
N LYS A 440 25.52 -13.26 -3.50
CA LYS A 440 26.24 -12.03 -3.79
C LYS A 440 27.17 -12.22 -4.97
N ALA A 441 27.51 -13.48 -5.27
CA ALA A 441 28.41 -13.77 -6.36
C ALA A 441 27.70 -13.55 -7.70
N ASP A 442 26.44 -13.94 -7.77
CA ASP A 442 25.61 -13.78 -8.96
C ASP A 442 25.45 -12.32 -9.33
N PHE A 443 25.24 -11.47 -8.33
CA PHE A 443 25.07 -10.04 -8.57
C PHE A 443 26.39 -9.50 -9.08
N ASP A 444 27.47 -9.93 -8.42
CA ASP A 444 28.84 -9.51 -8.75
C ASP A 444 29.31 -10.05 -10.11
N ASN A 445 28.69 -11.10 -10.60
CA ASN A 445 29.06 -11.65 -11.89
C ASN A 445 28.19 -11.13 -13.01
N THR A 446 27.43 -10.09 -12.70
CA THR A 446 26.59 -9.48 -13.70
C THR A 446 27.26 -8.16 -14.10
N VAL A 447 27.52 -8.01 -15.39
CA VAL A 447 28.13 -6.81 -15.94
C VAL A 447 27.21 -5.65 -15.63
N ALA A 448 27.81 -4.53 -15.28
CA ALA A 448 27.09 -3.31 -14.93
C ALA A 448 26.60 -2.49 -16.11
N ILE A 449 25.63 -1.61 -15.83
CA ILE A 449 25.06 -0.70 -16.81
C ILE A 449 25.45 0.69 -16.30
N HIS A 450 26.30 1.37 -17.08
CA HIS A 450 26.86 2.66 -16.72
C HIS A 450 26.42 3.71 -17.74
N PRO A 451 25.98 4.89 -17.28
CA PRO A 451 25.88 5.24 -15.86
C PRO A 451 24.45 5.14 -15.38
N THR A 452 24.26 4.49 -14.24
CA THR A 452 22.93 4.31 -13.68
C THR A 452 23.09 4.19 -12.15
N SER A 453 21.99 4.22 -11.41
CA SER A 453 22.05 4.03 -9.96
C SER A 453 22.01 2.53 -9.73
N SER A 454 21.25 1.81 -10.55
CA SER A 454 21.12 0.36 -10.44
C SER A 454 22.46 -0.35 -10.47
N GLU A 455 23.43 0.21 -11.18
CA GLU A 455 24.77 -0.40 -11.28
C GLU A 455 25.50 -0.52 -9.93
N GLU A 456 25.07 0.23 -8.90
CA GLU A 456 25.69 0.17 -7.57
C GLU A 456 25.38 -1.13 -6.82
N LEU A 457 24.34 -1.83 -7.23
CA LEU A 457 24.01 -3.09 -6.58
C LEU A 457 24.85 -4.27 -7.09
N VAL A 458 25.38 -4.16 -8.30
CA VAL A 458 26.20 -5.24 -8.84
C VAL A 458 27.71 -5.01 -8.59
N THR A 459 28.04 -3.91 -7.89
CA THR A 459 29.43 -3.57 -7.56
C THR A 459 29.57 -3.26 -6.08
N LEU A 460 28.75 -3.89 -5.25
CA LEU A 460 28.83 -3.64 -3.83
C LEU A 460 29.99 -4.43 -3.29
N ARG A 461 30.90 -3.72 -2.66
CA ARG A 461 32.05 -4.34 -2.01
C ARG A 461 32.02 -3.85 -0.56
PA FAD B . -10.36 -4.48 -2.75
O1A FAD B . -10.62 -3.58 -1.64
O2A FAD B . -9.67 -3.82 -3.92
O5B FAD B . -11.75 -5.05 -3.26
C5B FAD B . -12.93 -5.42 -2.58
C4B FAD B . -14.21 -4.94 -3.28
O4B FAD B . -15.22 -5.65 -2.51
C3B FAD B . -14.55 -3.42 -3.25
O3B FAD B . -14.93 -2.84 -4.43
C2B FAD B . -15.73 -3.46 -2.34
O2B FAD B . -16.60 -2.44 -2.65
C1B FAD B . -16.35 -4.82 -2.53
N9A FAD B . -17.12 -5.38 -1.41
C8A FAD B . -16.83 -5.41 -0.09
N7A FAD B . -17.68 -6.04 0.65
C5A FAD B . -18.61 -6.54 -0.28
C6A FAD B . -19.82 -7.30 -0.15
N6A FAD B . -20.28 -7.84 0.98
N1A FAD B . -20.58 -7.44 -1.25
C2A FAD B . -20.15 -6.96 -2.42
N3A FAD B . -19.03 -6.29 -2.68
C4A FAD B . -18.31 -6.05 -1.53
N1 FAD B . -1.42 -1.43 -3.02
C2 FAD B . -0.41 -1.55 -3.86
O2 FAD B . 0.02 -2.60 -4.12
N3 FAD B . 0.24 -0.50 -4.40
C4 FAD B . -0.05 0.78 -4.11
O4 FAD B . 0.57 1.70 -4.63
C4X FAD B . -1.17 1.01 -3.13
N5 FAD B . -1.51 2.22 -2.77
C5X FAD B . -2.60 2.37 -1.88
C6 FAD B . -2.96 3.66 -1.47
C7 FAD B . -4.05 3.87 -0.59
C7M FAD B . -4.23 4.84 -0.30
C8 FAD B . -4.81 2.70 -0.12
C8M FAD B . -5.62 2.76 0.44
C9 FAD B . -4.41 1.40 -0.51
C9A FAD B . -3.32 1.19 -1.37
N10 FAD B . -2.84 -0.13 -1.79
C10 FAD B . -1.78 -0.23 -2.66
C1' FAD B . -3.42 -1.47 -1.34
C2' FAD B . -4.42 -2.13 -2.35
O2' FAD B . -5.48 -1.13 -2.58
C3' FAD B . -5.18 -3.28 -1.70
O3' FAD B . -4.35 -4.22 -1.01
C4' FAD B . -5.86 -4.03 -2.72
O4' FAD B . -6.85 -3.08 -3.01
C5' FAD B . -6.36 -5.40 -2.10
O5' FAD B . -7.43 -6.10 -2.82
P FAD B . -8.69 -6.97 -2.27
O1P FAD B . -9.09 -7.89 -3.38
O2P FAD B . -8.57 -7.67 -0.91
O3P FAD B . -9.60 -5.69 -2.14
N1 TS4 C . 2.52 -1.39 -16.82
CA1 TS4 C . 1.58 -0.69 -15.92
C1 TS4 C . 1.03 0.52 -16.65
OE1 TS4 C . 0.54 0.31 -17.79
OE2 TS4 C . 1.09 1.65 -16.10
CB1 TS4 C . 0.43 -1.63 -15.52
CG1 TS4 C . -0.46 -1.11 -14.41
CD1 TS4 C . -1.55 -0.14 -14.90
O1 TS4 C . -1.54 1.03 -14.51
N2 TS4 C . -2.28 -0.57 -15.94
CA2 TS4 C . -3.37 0.21 -16.51
C2 TS4 C . -3.00 1.19 -17.66
O2 TS4 C . -3.79 2.09 -17.98
CB2 TS4 C . -4.16 0.91 -15.39
SG2 TS4 C . -4.73 -0.25 -14.09
N3 TS4 C . -2.08 0.70 -18.49
CA3 TS4 C . -1.56 1.38 -19.68
C3 TS4 C . -1.79 0.73 -21.07
O3 TS4 C . -2.26 1.41 -22.00
N4 TS4 C . -3.22 -6.55 -13.91
CA4 TS4 C . -2.69 -7.89 -14.09
C4 TS4 C . -4.14 -8.39 -14.22
O4 TS4 C . -4.83 -8.57 -13.21
C5 TS4 C . -2.61 -5.40 -14.21
O5 TS4 C . -1.75 -5.28 -15.10
CA5 TS4 C . -3.56 -4.25 -13.86
N5 TS4 C . -3.90 -4.18 -12.46
CB5 TS4 C . -3.18 -2.91 -14.43
SG5 TS4 C . -4.69 -2.07 -15.02
CA6 TS4 C . -6.27 -4.26 -10.44
C6 TS4 C . -6.39 -3.22 -9.33
OE6 TS4 C . -7.11 -3.49 -8.33
OE7 TS4 C . -5.77 -2.14 -9.46
N6 TS4 C . -7.53 -5.01 -10.75
CB6 TS4 C . -5.15 -5.23 -10.08
CG6 TS4 C . -3.77 -4.58 -10.15
CD6 TS4 C . -3.17 -4.74 -11.49
O6 TS4 C . -1.95 -4.87 -11.58
N1' TS4 C . -1.70 -0.61 -21.17
C1' TS4 C . -1.15 -1.51 -20.15
C2' TS4 C . -1.08 -2.95 -20.63
N2' TS4 C . -1.96 -4.32 -18.74
C3' TS4 C . -2.22 -3.77 -20.08
C4' TS4 C . -1.69 -5.73 -19.02
C5' TS4 C . -0.65 -6.46 -18.16
C6' TS4 C . -0.33 -7.84 -18.72
C7' TS4 C . 0.70 -7.76 -19.85
N3' TS4 C . 2.05 -7.35 -19.35
N1T TS4 C . -4.69 -8.20 -15.42
C1T TS4 C . -3.93 -7.97 -16.66
C2T TS4 C . -4.51 -6.83 -17.51
C3T TS4 C . -4.66 -5.53 -16.70
N2T TS4 C . -6.03 -5.04 -16.52
C4T TS4 C . -6.30 -3.84 -17.34
C5T TS4 C . -5.34 -3.52 -18.48
C6T TS4 C . -5.73 -2.24 -19.24
C7T TS4 C . -5.96 -1.04 -18.33
N3T TS4 C . -7.35 -1.01 -17.79
#